data_8VD9
#
_entry.id   8VD9
#
_cell.length_a   61.030
_cell.length_b   61.030
_cell.length_c   156.410
_cell.angle_alpha   90.00
_cell.angle_beta   90.00
_cell.angle_gamma   90.00
#
_symmetry.space_group_name_H-M   'P 41 21 2'
#
loop_
_entity.id
_entity.type
_entity.pdbx_description
1 polymer 'Beta-ketoacyl-[acyl-carrier-protein] synthase III 1'
2 non-polymer '2-[N-CYCLOHEXYLAMINO]ETHANE SULFONIC ACID'
3 water water
#
_entity_poly.entity_id   1
_entity_poly.type   'polypeptide(L)'
_entity_poly.pdbx_seq_one_letter_code
;GSHMLEKAGILGVGRYIPEKVLTNHDLEKMVETSDEWIRTRTGIEERRIAADDVFSSHMAVAAAKNALEQAEVAAEDLDM
ILVATVTPDQSFPTVSCMIQEQLGAKKACAMDISAACAGFMYGVVTGKQFIESGTYKHVLVVGVEKLSSITDWEDRNTAV
LFGDGAGAAVVGPVSDDRGILSFELGADGTGGQHLYLNEKRHTIMNGREVFKFAVRQMGESCVNVIEKAGLSKEDVDFLI
PHQANIRIMEAARERLELPVEKMSKTVHKYGNTSAASIPISLVEELEAGKIKDGDVVVMVGFGGGLTWGAIAIRWGR
;
_entity_poly.pdbx_strand_id   A
#
loop_
_chem_comp.id
_chem_comp.type
_chem_comp.name
_chem_comp.formula
NHE non-polymer '2-[N-CYCLOHEXYLAMINO]ETHANE SULFONIC ACID' 'C8 H17 N O3 S'
#
# COMPACT_ATOMS: atom_id res chain seq x y z
N LYS A 7 11.57 8.38 -18.32
CA LYS A 7 10.54 8.34 -17.29
C LYS A 7 10.46 6.98 -16.61
N ALA A 8 10.30 6.99 -15.30
CA ALA A 8 10.11 5.76 -14.53
C ALA A 8 8.63 5.40 -14.51
N GLY A 9 8.35 4.11 -14.72
CA GLY A 9 7.00 3.61 -14.66
C GLY A 9 6.95 2.26 -13.97
N ILE A 10 5.78 1.63 -13.93
CA ILE A 10 5.62 0.34 -13.28
C ILE A 10 5.62 -0.74 -14.34
N LEU A 11 6.54 -1.69 -14.21
CA LEU A 11 6.73 -2.75 -15.19
C LEU A 11 5.89 -3.98 -14.89
N GLY A 12 5.57 -4.20 -13.62
CA GLY A 12 4.78 -5.35 -13.23
C GLY A 12 4.51 -5.29 -11.74
N VAL A 13 3.42 -5.95 -11.34
CA VAL A 13 2.97 -5.93 -9.96
C VAL A 13 2.58 -7.35 -9.54
N GLY A 14 2.73 -7.62 -8.24
CA GLY A 14 2.32 -8.89 -7.67
C GLY A 14 1.95 -8.69 -6.22
N ARG A 15 1.37 -9.73 -5.63
CA ARG A 15 0.95 -9.65 -4.24
C ARG A 15 1.02 -11.03 -3.60
N TYR A 16 0.97 -11.03 -2.27
CA TYR A 16 0.72 -12.25 -1.50
C TYR A 16 -0.43 -11.97 -0.55
N ILE A 17 -1.47 -12.77 -0.65
CA ILE A 17 -2.65 -12.67 0.22
C ILE A 17 -2.66 -13.91 1.10
N PRO A 18 -2.59 -13.77 2.42
CA PRO A 18 -2.67 -14.95 3.30
C PRO A 18 -3.99 -15.68 3.09
N GLU A 19 -3.95 -17.00 3.28
CA GLU A 19 -5.11 -17.82 2.97
C GLU A 19 -6.17 -17.79 4.06
N LYS A 20 -5.72 -17.64 5.31
CA LYS A 20 -6.66 -17.66 6.47
C LYS A 20 -7.59 -16.44 6.41
N VAL A 21 -8.90 -16.70 6.39
CA VAL A 21 -9.87 -15.62 6.40
C VAL A 21 -10.37 -15.42 7.82
N LEU A 22 -10.37 -14.17 8.28
CA LEU A 22 -10.92 -13.79 9.57
C LEU A 22 -12.18 -12.96 9.30
N THR A 23 -13.34 -13.56 9.53
CA THR A 23 -14.60 -12.88 9.27
C THR A 23 -15.01 -12.03 10.47
N ASN A 24 -15.99 -11.14 10.23
CA ASN A 24 -16.54 -10.36 11.32
C ASN A 24 -17.20 -11.25 12.37
N HIS A 25 -17.69 -12.42 11.96
CA HIS A 25 -18.30 -13.33 12.92
C HIS A 25 -17.25 -14.10 13.71
N ASP A 26 -16.06 -14.29 13.14
CA ASP A 26 -14.93 -14.76 13.93
C ASP A 26 -14.53 -13.70 14.96
N LEU A 27 -14.57 -12.43 14.56
CA LEU A 27 -14.28 -11.33 15.49
C LEU A 27 -15.31 -11.24 16.61
N GLU A 28 -16.56 -11.64 16.34
CA GLU A 28 -17.62 -11.50 17.32
C GLU A 28 -17.39 -12.38 18.55
N LYS A 29 -16.68 -13.50 18.37
CA LYS A 29 -16.27 -14.31 19.50
C LYS A 29 -15.19 -13.62 20.33
N MET A 30 -14.30 -12.88 19.66
CA MET A 30 -13.07 -12.46 20.31
C MET A 30 -13.24 -11.16 21.10
N VAL A 31 -14.03 -10.22 20.60
CA VAL A 31 -14.21 -8.92 21.22
C VAL A 31 -15.69 -8.55 21.20
N GLU A 32 -16.01 -7.46 21.91
CA GLU A 32 -17.40 -7.01 22.05
C GLU A 32 -17.72 -6.10 20.85
N THR A 33 -17.92 -6.75 19.71
CA THR A 33 -18.21 -6.07 18.46
C THR A 33 -19.33 -6.80 17.74
N SER A 34 -19.80 -6.20 16.65
CA SER A 34 -20.88 -6.78 15.85
C SER A 34 -20.57 -6.61 14.38
N ASP A 35 -20.96 -7.62 13.60
CA ASP A 35 -20.85 -7.55 12.14
C ASP A 35 -21.46 -6.26 11.60
N GLU A 36 -22.60 -5.84 12.16
CA GLU A 36 -23.26 -4.62 11.70
C GLU A 36 -22.40 -3.39 11.93
N TRP A 37 -21.82 -3.28 13.12
CA TRP A 37 -21.05 -2.09 13.47
C TRP A 37 -19.80 -1.96 12.60
N ILE A 38 -19.07 -3.08 12.43
CA ILE A 38 -17.85 -3.05 11.61
C ILE A 38 -18.17 -2.64 10.19
N ARG A 39 -19.15 -3.30 9.57
CA ARG A 39 -19.49 -3.00 8.18
C ARG A 39 -19.95 -1.56 8.02
N THR A 40 -20.77 -1.08 8.95
CA THR A 40 -21.35 0.26 8.80
C THR A 40 -20.28 1.34 8.93
N ARG A 41 -19.31 1.15 9.81
CA ARG A 41 -18.33 2.20 10.08
C ARG A 41 -17.04 2.08 9.28
N THR A 42 -16.64 0.87 8.89
CA THR A 42 -15.42 0.68 8.13
C THR A 42 -15.62 0.04 6.77
N GLY A 43 -16.72 -0.68 6.56
CA GLY A 43 -16.91 -1.40 5.32
C GLY A 43 -16.18 -2.73 5.25
N ILE A 44 -15.47 -3.13 6.30
CA ILE A 44 -14.75 -4.39 6.30
C ILE A 44 -15.72 -5.53 6.58
N GLU A 45 -15.62 -6.58 5.77
CA GLU A 45 -16.34 -7.84 6.00
C GLU A 45 -15.41 -8.98 6.39
N GLU A 46 -14.26 -9.08 5.72
CA GLU A 46 -13.24 -10.06 6.06
C GLU A 46 -11.87 -9.40 5.97
N ARG A 47 -10.88 -10.07 6.55
CA ARG A 47 -9.48 -9.70 6.38
C ARG A 47 -8.67 -10.98 6.49
N ARG A 48 -7.47 -10.95 5.93
CA ARG A 48 -6.60 -12.11 5.93
C ARG A 48 -5.56 -12.00 7.04
N ILE A 49 -5.20 -13.16 7.60
CA ILE A 49 -4.24 -13.24 8.70
C ILE A 49 -3.17 -14.26 8.34
N ALA A 50 -1.91 -13.82 8.38
CA ALA A 50 -0.80 -14.71 8.09
C ALA A 50 -0.64 -15.75 9.19
N ALA A 51 -0.17 -16.93 8.81
CA ALA A 51 0.07 -17.99 9.76
C ALA A 51 1.16 -17.59 10.76
N ASP A 52 1.26 -18.37 11.84
CA ASP A 52 2.22 -18.05 12.89
C ASP A 52 3.67 -18.25 12.43
N ASP A 53 3.91 -19.00 11.37
CA ASP A 53 5.24 -19.19 10.81
C ASP A 53 5.45 -18.38 9.53
N VAL A 54 4.51 -17.53 9.17
CA VAL A 54 4.61 -16.68 7.99
C VAL A 54 4.84 -15.25 8.46
N PHE A 55 5.98 -14.68 8.08
CA PHE A 55 6.37 -13.34 8.49
C PHE A 55 6.40 -12.42 7.27
N SER A 56 6.76 -11.16 7.51
CA SER A 56 6.77 -10.17 6.43
C SER A 56 7.69 -10.60 5.29
N SER A 57 8.81 -11.26 5.63
CA SER A 57 9.75 -11.69 4.60
C SER A 57 9.13 -12.74 3.70
N HIS A 58 8.41 -13.70 4.27
CA HIS A 58 7.74 -14.73 3.46
C HIS A 58 6.73 -14.11 2.52
N MET A 59 5.92 -13.18 3.03
CA MET A 59 4.91 -12.56 2.17
C MET A 59 5.58 -11.69 1.12
N ALA A 60 6.69 -11.04 1.47
CA ALA A 60 7.35 -10.12 0.54
C ALA A 60 8.02 -10.87 -0.61
N VAL A 61 8.67 -12.00 -0.32
CA VAL A 61 9.27 -12.77 -1.41
C VAL A 61 8.19 -13.22 -2.39
N ALA A 62 7.03 -13.65 -1.87
CA ALA A 62 5.96 -14.14 -2.74
C ALA A 62 5.42 -13.04 -3.64
N ALA A 63 5.12 -11.88 -3.05
CA ALA A 63 4.70 -10.74 -3.86
C ALA A 63 5.78 -10.35 -4.86
N ALA A 64 7.05 -10.35 -4.44
CA ALA A 64 8.13 -9.93 -5.31
C ALA A 64 8.27 -10.87 -6.50
N LYS A 65 8.21 -12.19 -6.24
CA LYS A 65 8.31 -13.15 -7.32
C LYS A 65 7.22 -12.95 -8.37
N ASN A 66 5.99 -12.71 -7.91
CA ASN A 66 4.88 -12.50 -8.84
C ASN A 66 5.08 -11.22 -9.64
N ALA A 67 5.57 -10.16 -8.99
CA ALA A 67 5.81 -8.90 -9.69
C ALA A 67 6.93 -9.05 -10.72
N LEU A 68 8.01 -9.73 -10.36
CA LEU A 68 9.10 -9.95 -11.30
C LEU A 68 8.64 -10.78 -12.49
N GLU A 69 7.85 -11.81 -12.25
CA GLU A 69 7.33 -12.63 -13.34
C GLU A 69 6.43 -11.81 -14.27
N GLN A 70 5.54 -11.00 -13.69
CA GLN A 70 4.68 -10.16 -14.52
C GLN A 70 5.48 -9.10 -15.28
N ALA A 71 6.59 -8.64 -14.72
CA ALA A 71 7.40 -7.62 -15.36
C ALA A 71 8.37 -8.17 -16.39
N GLU A 72 8.54 -9.50 -16.46
CA GLU A 72 9.60 -10.13 -17.24
C GLU A 72 10.96 -9.55 -16.86
N VAL A 73 11.19 -9.45 -15.55
CA VAL A 73 12.45 -8.98 -14.99
C VAL A 73 13.03 -10.09 -14.13
N ALA A 74 14.30 -10.40 -14.34
CA ALA A 74 15.00 -11.38 -13.52
C ALA A 74 15.50 -10.72 -12.24
N ALA A 75 15.46 -11.46 -11.14
CA ALA A 75 15.90 -10.92 -9.86
C ALA A 75 17.37 -10.49 -9.92
N GLU A 76 18.19 -11.23 -10.66
CA GLU A 76 19.60 -10.89 -10.80
C GLU A 76 19.81 -9.54 -11.48
N ASP A 77 18.78 -8.99 -12.12
CA ASP A 77 18.90 -7.72 -12.81
C ASP A 77 18.43 -6.53 -11.97
N LEU A 78 17.91 -6.77 -10.76
CA LEU A 78 17.49 -5.68 -9.90
C LEU A 78 18.68 -4.88 -9.40
N ASP A 79 18.57 -3.56 -9.47
CA ASP A 79 19.59 -2.68 -8.90
C ASP A 79 19.30 -2.30 -7.46
N MET A 80 18.04 -2.33 -7.03
CA MET A 80 17.65 -1.84 -5.71
C MET A 80 16.40 -2.56 -5.24
N ILE A 81 16.36 -2.87 -3.95
CA ILE A 81 15.19 -3.44 -3.32
C ILE A 81 14.79 -2.52 -2.17
N LEU A 82 13.57 -2.00 -2.24
CA LEU A 82 13.00 -1.16 -1.18
C LEU A 82 11.78 -1.87 -0.60
N VAL A 83 11.77 -2.05 0.71
CA VAL A 83 10.64 -2.69 1.38
C VAL A 83 10.07 -1.72 2.40
N ALA A 84 8.82 -1.32 2.19
CA ALA A 84 8.10 -0.46 3.13
C ALA A 84 7.37 -1.35 4.12
N THR A 85 7.79 -1.29 5.39
CA THR A 85 7.17 -2.09 6.42
C THR A 85 7.49 -1.48 7.78
N VAL A 86 6.58 -1.69 8.73
CA VAL A 86 6.85 -1.46 10.14
C VAL A 86 6.82 -2.75 10.94
N THR A 87 6.68 -3.89 10.29
CA THR A 87 6.66 -5.19 10.95
C THR A 87 7.68 -6.14 10.32
N PRO A 88 8.96 -5.79 10.30
CA PRO A 88 9.95 -6.73 9.78
C PRO A 88 10.12 -7.92 10.71
N ASP A 89 10.59 -9.03 10.15
CA ASP A 89 10.88 -10.22 10.96
C ASP A 89 11.71 -9.83 12.18
N GLN A 90 12.74 -9.01 11.96
CA GLN A 90 13.50 -8.38 13.02
C GLN A 90 14.07 -7.09 12.45
N SER A 91 14.55 -6.22 13.34
CA SER A 91 14.99 -4.89 12.90
C SER A 91 16.13 -4.99 11.90
N PHE A 92 17.11 -5.87 12.16
CA PHE A 92 18.13 -6.21 11.18
C PHE A 92 18.44 -7.69 11.37
N PRO A 93 18.64 -8.44 10.28
CA PRO A 93 18.61 -8.01 8.87
C PRO A 93 17.22 -7.59 8.44
N THR A 94 17.17 -6.63 7.52
CA THR A 94 15.89 -6.09 7.07
C THR A 94 15.18 -7.09 6.18
N VAL A 95 13.88 -6.82 5.94
CA VAL A 95 13.14 -7.63 4.98
C VAL A 95 13.76 -7.50 3.60
N SER A 96 14.18 -6.28 3.22
CA SER A 96 14.81 -6.09 1.91
C SER A 96 16.07 -6.91 1.77
N CYS A 97 16.89 -6.98 2.83
CA CYS A 97 18.07 -7.83 2.79
C CYS A 97 17.68 -9.30 2.72
N MET A 98 16.64 -9.69 3.48
CA MET A 98 16.22 -11.08 3.49
C MET A 98 15.72 -11.52 2.12
N ILE A 99 14.95 -10.67 1.45
CA ILE A 99 14.42 -11.09 0.16
C ILE A 99 15.46 -10.91 -0.94
N GLN A 100 16.44 -10.02 -0.74
CA GLN A 100 17.57 -9.96 -1.66
C GLN A 100 18.31 -11.29 -1.70
N GLU A 101 18.44 -11.94 -0.55
CA GLU A 101 19.09 -13.26 -0.50
C GLU A 101 18.20 -14.33 -1.12
N GLN A 102 16.93 -14.39 -0.68
CA GLN A 102 16.05 -15.46 -1.13
C GLN A 102 15.75 -15.36 -2.63
N LEU A 103 15.74 -14.14 -3.18
CA LEU A 103 15.44 -13.96 -4.59
C LEU A 103 16.65 -14.16 -5.49
N GLY A 104 17.85 -14.19 -4.93
CA GLY A 104 19.04 -14.22 -5.75
C GLY A 104 19.36 -12.89 -6.40
N ALA A 105 18.95 -11.77 -5.79
CA ALA A 105 19.21 -10.42 -6.36
C ALA A 105 20.59 -9.91 -5.91
N LYS A 106 21.66 -10.50 -6.43
CA LYS A 106 23.06 -10.23 -5.96
C LYS A 106 23.56 -8.79 -6.09
N LYS A 107 23.34 -8.14 -7.22
CA LYS A 107 23.92 -6.79 -7.43
C LYS A 107 23.06 -5.72 -6.78
N ALA A 108 21.94 -6.12 -6.19
CA ALA A 108 21.01 -5.10 -5.68
C ALA A 108 21.36 -4.57 -4.29
N CYS A 109 21.25 -3.26 -4.11
CA CYS A 109 21.27 -2.73 -2.76
C CYS A 109 19.90 -2.91 -2.13
N ALA A 110 19.82 -2.70 -0.82
CA ALA A 110 18.61 -3.09 -0.09
C ALA A 110 18.45 -2.21 1.15
N MET A 111 17.27 -1.61 1.30
CA MET A 111 16.97 -0.90 2.52
C MET A 111 15.46 -0.98 2.76
N ASP A 112 15.09 -1.06 4.03
CA ASP A 112 13.70 -0.91 4.43
C ASP A 112 13.42 0.55 4.70
N ILE A 113 12.19 0.96 4.40
CA ILE A 113 11.79 2.33 4.69
C ILE A 113 10.52 2.29 5.54
N SER A 114 10.38 3.29 6.40
CA SER A 114 9.28 3.35 7.36
C SER A 114 8.53 4.66 7.17
N ALA A 115 7.35 4.58 6.54
CA ALA A 115 6.42 5.69 6.46
C ALA A 115 4.99 5.19 6.70
N ALA A 116 4.87 4.14 7.50
CA ALA A 116 3.59 3.54 7.92
C ALA A 116 2.77 3.23 6.67
N CYS A 117 1.48 3.58 6.63
CA CYS A 117 0.62 3.17 5.53
C CYS A 117 0.92 3.93 4.24
N ALA A 118 1.72 4.99 4.29
CA ALA A 118 2.16 5.69 3.09
C ALA A 118 3.46 5.12 2.53
N GLY A 119 3.96 4.01 3.08
CA GLY A 119 5.31 3.57 2.77
C GLY A 119 5.49 3.16 1.32
N PHE A 120 4.48 2.51 0.73
CA PHE A 120 4.63 2.08 -0.66
C PHE A 120 4.77 3.27 -1.59
N MET A 121 4.12 4.39 -1.27
CA MET A 121 4.23 5.59 -2.08
C MET A 121 5.61 6.22 -1.94
N TYR A 122 6.09 6.35 -0.70
CA TYR A 122 7.45 6.82 -0.47
C TYR A 122 8.44 5.96 -1.25
N GLY A 123 8.21 4.64 -1.27
CA GLY A 123 9.13 3.73 -1.94
C GLY A 123 9.13 3.91 -3.45
N VAL A 124 7.93 3.97 -4.05
CA VAL A 124 7.86 4.12 -5.50
C VAL A 124 8.47 5.44 -5.93
N VAL A 125 8.21 6.52 -5.18
CA VAL A 125 8.79 7.81 -5.52
C VAL A 125 10.31 7.77 -5.38
N THR A 126 10.80 7.09 -4.34
CA THR A 126 12.24 6.95 -4.16
C THR A 126 12.86 6.19 -5.32
N GLY A 127 12.25 5.08 -5.72
CA GLY A 127 12.72 4.36 -6.90
C GLY A 127 12.72 5.22 -8.14
N LYS A 128 11.66 6.02 -8.33
CA LYS A 128 11.59 6.96 -9.44
C LYS A 128 12.83 7.86 -9.50
N GLN A 129 13.25 8.38 -8.35
CA GLN A 129 14.41 9.28 -8.34
C GLN A 129 15.68 8.56 -8.78
N PHE A 130 15.86 7.31 -8.35
CA PHE A 130 17.07 6.58 -8.71
C PHE A 130 17.07 6.20 -10.19
N ILE A 131 15.89 5.95 -10.77
CA ILE A 131 15.82 5.55 -12.17
C ILE A 131 15.98 6.74 -13.10
N GLU A 132 15.27 7.83 -12.84
CA GLU A 132 15.28 8.99 -13.77
C GLU A 132 16.62 9.71 -13.76
N SER A 133 17.40 9.54 -12.70
CA SER A 133 18.74 10.10 -12.70
C SER A 133 19.73 9.24 -13.50
N GLY A 134 19.28 8.11 -14.03
CA GLY A 134 20.15 7.18 -14.71
C GLY A 134 20.99 6.30 -13.80
N THR A 135 20.83 6.43 -12.48
CA THR A 135 21.61 5.63 -11.54
C THR A 135 21.29 4.15 -11.69
N TYR A 136 20.02 3.80 -11.55
CA TYR A 136 19.57 2.42 -11.57
C TYR A 136 18.56 2.23 -12.70
N LYS A 137 18.33 0.98 -13.07
CA LYS A 137 17.33 0.66 -14.08
C LYS A 137 16.11 -0.03 -13.49
N HIS A 138 16.30 -1.04 -12.64
CA HIS A 138 15.20 -1.82 -12.09
C HIS A 138 15.20 -1.67 -10.57
N VAL A 139 14.08 -1.22 -10.02
CA VAL A 139 13.92 -1.05 -8.58
C VAL A 139 12.70 -1.84 -8.15
N LEU A 140 12.89 -2.77 -7.23
CA LEU A 140 11.80 -3.53 -6.64
C LEU A 140 11.29 -2.78 -5.41
N VAL A 141 9.99 -2.50 -5.38
CA VAL A 141 9.35 -1.82 -4.26
C VAL A 141 8.28 -2.74 -3.71
N VAL A 142 8.37 -3.06 -2.43
CA VAL A 142 7.46 -3.97 -1.76
C VAL A 142 6.82 -3.25 -0.58
N GLY A 143 5.49 -3.31 -0.49
CA GLY A 143 4.79 -2.93 0.71
C GLY A 143 4.25 -4.17 1.39
N VAL A 144 4.68 -4.43 2.63
CA VAL A 144 4.30 -5.64 3.34
C VAL A 144 4.05 -5.30 4.79
N GLU A 145 3.02 -5.91 5.38
CA GLU A 145 2.74 -5.75 6.80
C GLU A 145 2.16 -7.03 7.35
N LYS A 146 2.64 -7.42 8.52
CA LYS A 146 1.94 -8.38 9.37
C LYS A 146 1.38 -7.61 10.55
N LEU A 147 0.32 -6.84 10.28
CA LEU A 147 -0.31 -6.04 11.33
C LEU A 147 -0.87 -6.91 12.44
N SER A 148 -1.22 -8.16 12.12
CA SER A 148 -1.68 -9.10 13.13
C SER A 148 -0.67 -9.27 14.26
N SER A 149 0.61 -9.02 13.99
CA SER A 149 1.64 -9.15 15.01
C SER A 149 1.79 -7.90 15.88
N ILE A 150 1.13 -6.80 15.54
CA ILE A 150 1.18 -5.60 16.37
C ILE A 150 -0.24 -5.16 16.70
N THR A 151 -1.19 -6.11 16.69
CA THR A 151 -2.57 -5.86 17.04
C THR A 151 -2.85 -6.38 18.45
N ASP A 152 -3.42 -5.52 19.29
CA ASP A 152 -3.98 -5.98 20.56
C ASP A 152 -5.29 -6.67 20.24
N TRP A 153 -5.27 -8.00 20.20
CA TRP A 153 -6.47 -8.73 19.78
C TRP A 153 -7.54 -8.73 20.86
N GLU A 154 -7.30 -8.07 21.99
CA GLU A 154 -8.31 -7.82 23.02
C GLU A 154 -9.03 -6.50 22.82
N ASP A 155 -8.49 -5.61 21.99
CA ASP A 155 -9.02 -4.26 21.81
C ASP A 155 -9.95 -4.24 20.60
N ARG A 156 -11.25 -4.15 20.86
CA ARG A 156 -12.21 -4.13 19.77
C ARG A 156 -12.07 -2.90 18.87
N ASN A 157 -11.44 -1.83 19.36
CA ASN A 157 -11.35 -0.61 18.58
C ASN A 157 -10.36 -0.73 17.43
N THR A 158 -9.40 -1.64 17.51
CA THR A 158 -8.41 -1.82 16.45
C THR A 158 -8.35 -3.23 15.90
N ALA A 159 -8.70 -4.25 16.71
CA ALA A 159 -8.56 -5.64 16.27
C ALA A 159 -9.48 -5.99 15.11
N VAL A 160 -10.47 -5.16 14.81
CA VAL A 160 -11.35 -5.40 13.67
C VAL A 160 -10.94 -4.63 12.43
N LEU A 161 -9.84 -3.88 12.48
CA LEU A 161 -9.45 -3.01 11.38
C LEU A 161 -8.35 -3.58 10.49
N PHE A 162 -7.50 -4.45 11.00
CA PHE A 162 -6.23 -4.74 10.37
C PHE A 162 -6.17 -6.14 9.79
N GLY A 163 -5.52 -6.26 8.63
CA GLY A 163 -5.20 -7.53 8.04
C GLY A 163 -3.74 -7.57 7.61
N ASP A 164 -3.34 -8.73 7.09
CA ASP A 164 -1.97 -8.97 6.66
C ASP A 164 -1.90 -9.08 5.15
N GLY A 165 -0.72 -8.83 4.60
CA GLY A 165 -0.52 -8.99 3.18
C GLY A 165 0.73 -8.30 2.69
N ALA A 166 1.05 -8.55 1.43
CA ALA A 166 2.19 -7.94 0.77
C ALA A 166 1.83 -7.62 -0.67
N GLY A 167 2.32 -6.47 -1.15
CA GLY A 167 2.23 -6.13 -2.55
C GLY A 167 3.56 -5.62 -3.05
N ALA A 168 3.79 -5.78 -4.35
CA ALA A 168 5.10 -5.45 -4.89
C ALA A 168 4.96 -4.92 -6.31
N ALA A 169 5.87 -4.02 -6.67
CA ALA A 169 5.96 -3.47 -8.02
C ALA A 169 7.41 -3.37 -8.43
N VAL A 170 7.69 -3.71 -9.69
CA VAL A 170 8.98 -3.45 -10.29
C VAL A 170 8.90 -2.11 -11.01
N VAL A 171 9.77 -1.18 -10.65
CA VAL A 171 9.81 0.14 -11.26
C VAL A 171 11.02 0.20 -12.19
N GLY A 172 10.82 0.78 -13.37
CA GLY A 172 11.87 0.89 -14.35
C GLY A 172 11.52 1.89 -15.43
N PRO A 173 12.43 2.10 -16.38
CA PRO A 173 12.15 3.04 -17.47
C PRO A 173 11.04 2.51 -18.37
N VAL A 174 10.16 3.41 -18.78
CA VAL A 174 9.07 3.08 -19.69
C VAL A 174 9.10 4.02 -20.89
N SER A 175 8.52 3.56 -21.99
CA SER A 175 8.46 4.36 -23.21
C SER A 175 7.59 5.60 -22.97
N ASP A 176 8.16 6.77 -23.27
CA ASP A 176 7.63 8.04 -22.78
C ASP A 176 6.17 8.26 -23.20
N ASP A 177 5.56 9.27 -22.57
CA ASP A 177 4.12 9.46 -22.40
C ASP A 177 3.64 8.62 -21.21
N ARG A 178 4.22 7.44 -21.03
CA ARG A 178 3.90 6.58 -19.91
C ARG A 178 4.75 6.90 -18.68
N GLY A 179 4.38 6.30 -17.56
CA GLY A 179 5.18 6.41 -16.34
C GLY A 179 4.58 7.38 -15.34
N ILE A 180 5.34 7.56 -14.26
CA ILE A 180 4.91 8.42 -13.16
C ILE A 180 4.96 9.88 -13.62
N LEU A 181 3.79 10.52 -13.65
CA LEU A 181 3.66 11.90 -14.11
C LEU A 181 3.92 12.92 -13.01
N SER A 182 3.55 12.61 -11.77
CA SER A 182 3.69 13.55 -10.67
C SER A 182 3.52 12.77 -9.37
N PHE A 183 3.89 13.42 -8.28
CA PHE A 183 3.76 12.80 -6.97
C PHE A 183 3.76 13.88 -5.91
N GLU A 184 3.32 13.50 -4.72
CA GLU A 184 3.42 14.33 -3.52
C GLU A 184 3.71 13.41 -2.34
N LEU A 185 4.71 13.79 -1.54
CA LEU A 185 4.97 13.12 -0.27
C LEU A 185 4.84 14.15 0.85
N GLY A 186 4.27 13.73 1.97
CA GLY A 186 4.03 14.63 3.07
C GLY A 186 4.10 13.93 4.41
N ALA A 187 4.13 14.75 5.46
CA ALA A 187 4.17 14.24 6.82
C ALA A 187 3.74 15.38 7.75
N ASP A 188 3.23 14.99 8.92
CA ASP A 188 2.88 15.97 9.94
C ASP A 188 3.10 15.30 11.30
N GLY A 189 4.31 15.48 11.85
CA GLY A 189 4.64 14.86 13.11
C GLY A 189 3.75 15.25 14.26
N THR A 190 3.00 16.35 14.13
CA THR A 190 2.05 16.75 15.16
C THR A 190 1.06 15.63 15.48
N GLY A 191 0.61 14.91 14.46
CA GLY A 191 -0.33 13.82 14.65
C GLY A 191 0.25 12.53 15.18
N GLY A 192 1.51 12.54 15.61
CA GLY A 192 2.12 11.30 16.08
C GLY A 192 1.44 10.71 17.30
N GLN A 193 0.87 11.57 18.14
CA GLN A 193 0.18 11.10 19.34
C GLN A 193 -1.08 10.29 19.01
N HIS A 194 -1.62 10.44 17.81
CA HIS A 194 -2.90 9.86 17.45
C HIS A 194 -2.80 8.44 16.94
N LEU A 195 -1.60 7.95 16.63
CA LEU A 195 -1.44 6.63 16.03
C LEU A 195 0.00 6.20 16.27
N TYR A 196 0.20 5.30 17.23
CA TYR A 196 1.56 4.93 17.62
C TYR A 196 1.58 3.48 18.10
N LEU A 197 2.78 2.91 18.11
CA LEU A 197 3.04 1.61 18.69
C LEU A 197 3.46 1.79 20.14
N ASN A 198 2.76 1.14 21.06
CA ASN A 198 3.08 1.31 22.47
C ASN A 198 4.14 0.29 22.90
N GLU A 199 4.44 0.25 24.19
CA GLU A 199 5.53 -0.55 24.72
C GLU A 199 5.28 -2.06 24.58
N LYS A 200 4.01 -2.48 24.50
CA LYS A 200 3.69 -3.87 24.26
C LYS A 200 3.71 -4.26 22.78
N ARG A 201 4.20 -3.38 21.91
CA ARG A 201 4.10 -3.56 20.47
C ARG A 201 2.64 -3.76 20.06
N HIS A 202 1.77 -2.90 20.61
CA HIS A 202 0.35 -2.88 20.27
C HIS A 202 0.01 -1.53 19.65
N THR A 203 -0.74 -1.56 18.55
CA THR A 203 -1.15 -0.33 17.88
C THR A 203 -2.22 0.39 18.69
N ILE A 204 -1.94 1.63 19.08
CA ILE A 204 -2.88 2.50 19.77
C ILE A 204 -3.30 3.58 18.79
N MET A 205 -4.60 3.85 18.71
CA MET A 205 -5.08 4.80 17.72
C MET A 205 -6.20 5.67 18.29
N ASN A 206 -6.17 6.95 17.95
CA ASN A 206 -7.28 7.87 18.21
C ASN A 206 -8.10 7.92 16.92
N GLY A 207 -9.02 6.96 16.77
CA GLY A 207 -9.68 6.75 15.50
C GLY A 207 -10.39 7.99 14.98
N ARG A 208 -11.02 8.76 15.87
CA ARG A 208 -11.74 9.95 15.45
C ARG A 208 -10.80 10.97 14.84
N GLU A 209 -9.64 11.20 15.47
CA GLU A 209 -8.68 12.17 14.97
C GLU A 209 -8.07 11.75 13.65
N VAL A 210 -7.66 10.48 13.55
CA VAL A 210 -7.07 9.98 12.31
C VAL A 210 -8.07 10.07 11.17
N PHE A 211 -9.36 9.84 11.47
CA PHE A 211 -10.40 9.98 10.47
C PHE A 211 -10.49 11.42 9.95
N LYS A 212 -10.58 12.39 10.87
CA LYS A 212 -10.67 13.79 10.46
C LYS A 212 -9.52 14.19 9.55
N PHE A 213 -8.30 13.79 9.92
CA PHE A 213 -7.13 14.13 9.12
C PHE A 213 -7.18 13.47 7.75
N ALA A 214 -7.52 12.17 7.72
CA ALA A 214 -7.46 11.42 6.46
C ALA A 214 -8.49 11.91 5.46
N VAL A 215 -9.71 12.16 5.92
CA VAL A 215 -10.80 12.52 5.02
C VAL A 215 -10.49 13.82 4.27
N ARG A 216 -9.75 14.75 4.89
CA ARG A 216 -9.44 15.99 4.21
C ARG A 216 -8.12 15.95 3.45
N GLN A 217 -7.19 15.08 3.84
CA GLN A 217 -5.89 15.05 3.17
C GLN A 217 -5.88 14.14 1.94
N MET A 218 -6.64 13.04 1.96
CA MET A 218 -6.64 12.12 0.83
C MET A 218 -7.09 12.82 -0.44
N GLY A 219 -8.21 13.55 -0.37
CA GLY A 219 -8.70 14.25 -1.55
C GLY A 219 -7.78 15.36 -2.00
N GLU A 220 -7.13 16.04 -1.04
CA GLU A 220 -6.27 17.16 -1.40
C GLU A 220 -4.98 16.70 -2.06
N SER A 221 -4.37 15.62 -1.55
CA SER A 221 -3.20 15.05 -2.22
C SER A 221 -3.55 14.63 -3.63
N CYS A 222 -4.74 14.05 -3.82
CA CYS A 222 -5.18 13.62 -5.14
C CYS A 222 -5.25 14.79 -6.10
N VAL A 223 -5.87 15.88 -5.68
CA VAL A 223 -6.00 17.05 -6.54
C VAL A 223 -4.63 17.63 -6.87
N ASN A 224 -3.71 17.59 -5.90
CA ASN A 224 -2.37 18.15 -6.09
C ASN A 224 -1.62 17.42 -7.19
N VAL A 225 -1.62 16.08 -7.16
CA VAL A 225 -0.84 15.34 -8.14
C VAL A 225 -1.47 15.44 -9.53
N ILE A 226 -2.81 15.52 -9.60
CA ILE A 226 -3.46 15.77 -10.89
C ILE A 226 -3.04 17.14 -11.42
N GLU A 227 -3.06 18.14 -10.54
CA GLU A 227 -2.63 19.48 -10.92
C GLU A 227 -1.18 19.50 -11.36
N LYS A 228 -0.30 18.83 -10.61
CA LYS A 228 1.12 18.82 -10.97
C LYS A 228 1.36 18.10 -12.29
N ALA A 229 0.51 17.12 -12.62
CA ALA A 229 0.63 16.43 -13.90
C ALA A 229 0.05 17.24 -15.05
N GLY A 230 -0.51 18.41 -14.77
CA GLY A 230 -1.12 19.22 -15.82
C GLY A 230 -2.40 18.63 -16.36
N LEU A 231 -3.15 17.91 -15.53
CA LEU A 231 -4.35 17.22 -15.94
C LEU A 231 -5.56 17.78 -15.21
N SER A 232 -6.74 17.29 -15.60
CA SER A 232 -7.99 17.63 -14.96
C SER A 232 -8.56 16.42 -14.24
N LYS A 233 -9.61 16.66 -13.46
CA LYS A 233 -10.27 15.57 -12.75
C LYS A 233 -10.89 14.59 -13.72
N GLU A 234 -11.39 15.08 -14.85
CA GLU A 234 -11.96 14.22 -15.88
C GLU A 234 -10.91 13.34 -16.55
N ASP A 235 -9.63 13.69 -16.42
CA ASP A 235 -8.56 12.90 -17.02
C ASP A 235 -8.18 11.67 -16.21
N VAL A 236 -8.69 11.54 -14.98
CA VAL A 236 -8.38 10.39 -14.14
C VAL A 236 -9.22 9.20 -14.59
N ASP A 237 -8.57 8.09 -14.90
CA ASP A 237 -9.26 6.88 -15.31
C ASP A 237 -9.48 5.89 -14.17
N PHE A 238 -8.64 5.98 -13.15
CA PHE A 238 -8.82 5.10 -11.99
C PHE A 238 -8.18 5.70 -10.74
N LEU A 239 -8.81 5.42 -9.60
CA LEU A 239 -8.29 5.87 -8.33
C LEU A 239 -8.04 4.66 -7.45
N ILE A 240 -6.83 4.56 -6.90
CA ILE A 240 -6.48 3.46 -6.02
C ILE A 240 -6.13 4.04 -4.66
N PRO A 241 -7.11 4.20 -3.77
CA PRO A 241 -6.81 4.76 -2.45
C PRO A 241 -6.33 3.68 -1.49
N HIS A 242 -5.65 4.13 -0.44
CA HIS A 242 -5.36 3.28 0.70
C HIS A 242 -6.67 2.72 1.24
N GLN A 243 -6.68 1.42 1.54
CA GLN A 243 -7.93 0.71 1.84
C GLN A 243 -8.09 0.56 3.35
N ALA A 244 -8.28 1.70 4.01
CA ALA A 244 -8.43 1.74 5.45
C ALA A 244 -9.89 1.82 5.90
N ASN A 245 -10.72 2.59 5.19
CA ASN A 245 -12.08 2.85 5.61
C ASN A 245 -12.86 3.32 4.39
N ILE A 246 -13.98 2.66 4.10
CA ILE A 246 -14.74 2.99 2.89
C ILE A 246 -15.22 4.43 2.94
N ARG A 247 -15.50 4.96 4.14
CA ARG A 247 -15.96 6.34 4.26
C ARG A 247 -14.85 7.33 3.88
N ILE A 248 -13.61 7.04 4.28
CA ILE A 248 -12.50 7.89 3.85
C ILE A 248 -12.30 7.78 2.34
N MET A 249 -12.33 6.54 1.82
CA MET A 249 -12.19 6.35 0.38
C MET A 249 -13.28 7.10 -0.39
N GLU A 250 -14.50 7.12 0.14
CA GLU A 250 -15.59 7.78 -0.55
C GLU A 250 -15.37 9.29 -0.63
N ALA A 251 -14.76 9.87 0.41
CA ALA A 251 -14.47 11.31 0.38
C ALA A 251 -13.53 11.65 -0.78
N ALA A 252 -12.52 10.81 -1.00
CA ALA A 252 -11.61 11.04 -2.12
C ALA A 252 -12.32 10.92 -3.45
N ARG A 253 -13.19 9.91 -3.59
CA ARG A 253 -13.94 9.75 -4.83
C ARG A 253 -14.79 10.98 -5.13
N GLU A 254 -15.44 11.53 -4.10
CA GLU A 254 -16.25 12.73 -4.29
C GLU A 254 -15.39 13.90 -4.74
N ARG A 255 -14.25 14.12 -4.08
CA ARG A 255 -13.39 15.24 -4.43
C ARG A 255 -12.94 15.16 -5.88
N LEU A 256 -12.78 13.96 -6.43
CA LEU A 256 -12.36 13.78 -7.80
C LEU A 256 -13.52 13.63 -8.78
N GLU A 257 -14.76 13.63 -8.28
CA GLU A 257 -15.96 13.50 -9.11
C GLU A 257 -15.91 12.22 -9.96
N LEU A 258 -15.40 11.14 -9.36
CA LEU A 258 -15.23 9.89 -10.08
C LEU A 258 -16.42 8.95 -9.85
N PRO A 259 -16.80 8.18 -10.86
CA PRO A 259 -17.84 7.17 -10.66
C PRO A 259 -17.35 6.03 -9.76
N VAL A 260 -18.32 5.33 -9.18
CA VAL A 260 -18.02 4.26 -8.22
C VAL A 260 -17.11 3.21 -8.85
N GLU A 261 -17.35 2.88 -10.12
CA GLU A 261 -16.60 1.82 -10.79
C GLU A 261 -15.19 2.23 -11.19
N LYS A 262 -14.78 3.47 -10.93
CA LYS A 262 -13.42 3.92 -11.21
C LYS A 262 -12.58 4.08 -9.97
N MET A 263 -13.02 3.56 -8.82
CA MET A 263 -12.23 3.55 -7.61
C MET A 263 -12.10 2.13 -7.08
N SER A 264 -10.86 1.70 -6.83
CA SER A 264 -10.63 0.35 -6.35
C SER A 264 -11.15 0.20 -4.93
N LYS A 265 -11.90 -0.88 -4.70
CA LYS A 265 -12.45 -1.17 -3.38
C LYS A 265 -12.17 -2.63 -3.04
N THR A 266 -11.19 -2.84 -2.15
CA THR A 266 -10.90 -4.15 -1.61
C THR A 266 -10.87 -4.16 -0.09
N VAL A 267 -11.20 -3.03 0.56
CA VAL A 267 -11.18 -2.97 2.02
C VAL A 267 -12.14 -3.97 2.63
N HIS A 268 -13.23 -4.27 1.93
CA HIS A 268 -14.24 -5.18 2.48
C HIS A 268 -13.72 -6.62 2.60
N LYS A 269 -12.74 -7.00 1.77
CA LYS A 269 -12.24 -8.37 1.77
C LYS A 269 -10.87 -8.53 2.42
N TYR A 270 -10.06 -7.47 2.48
CA TYR A 270 -8.72 -7.57 3.08
C TYR A 270 -8.50 -6.66 4.28
N GLY A 271 -9.42 -5.74 4.57
CA GLY A 271 -9.19 -4.81 5.66
C GLY A 271 -8.07 -3.84 5.32
N ASN A 272 -7.54 -3.20 6.37
CA ASN A 272 -6.42 -2.28 6.24
C ASN A 272 -5.14 -3.08 6.34
N THR A 273 -4.38 -3.13 5.24
CA THR A 273 -3.10 -3.82 5.22
C THR A 273 -1.92 -2.84 5.16
N SER A 274 -2.15 -1.58 5.52
CA SER A 274 -1.11 -0.55 5.66
C SER A 274 -0.34 -0.44 4.34
N ALA A 275 0.99 -0.58 4.33
CA ALA A 275 1.76 -0.34 3.11
C ALA A 275 1.43 -1.31 1.99
N ALA A 276 0.86 -2.46 2.30
CA ALA A 276 0.50 -3.43 1.27
C ALA A 276 -0.79 -3.10 0.54
N SER A 277 -1.55 -2.12 1.04
CA SER A 277 -2.95 -1.97 0.62
C SER A 277 -3.07 -1.56 -0.85
N ILE A 278 -2.30 -0.56 -1.26
CA ILE A 278 -2.41 -0.03 -2.62
C ILE A 278 -1.95 -1.06 -3.65
N PRO A 279 -0.78 -1.71 -3.51
CA PRO A 279 -0.41 -2.72 -4.52
C PRO A 279 -1.35 -3.91 -4.54
N ILE A 280 -1.88 -4.32 -3.38
CA ILE A 280 -2.87 -5.41 -3.37
C ILE A 280 -4.10 -5.03 -4.19
N SER A 281 -4.56 -3.78 -4.03
CA SER A 281 -5.71 -3.31 -4.81
C SER A 281 -5.36 -3.18 -6.28
N LEU A 282 -4.15 -2.70 -6.59
CA LEU A 282 -3.68 -2.63 -7.98
C LEU A 282 -3.76 -3.98 -8.67
N VAL A 283 -3.21 -5.02 -8.04
CA VAL A 283 -3.27 -6.36 -8.60
C VAL A 283 -4.71 -6.79 -8.83
N GLU A 284 -5.60 -6.48 -7.89
CA GLU A 284 -7.00 -6.86 -8.02
C GLU A 284 -7.62 -6.25 -9.27
N GLU A 285 -7.36 -4.97 -9.52
CA GLU A 285 -7.94 -4.31 -10.69
C GLU A 285 -7.28 -4.77 -11.98
N LEU A 286 -5.98 -5.03 -11.96
CA LEU A 286 -5.31 -5.54 -13.15
C LEU A 286 -5.79 -6.94 -13.49
N GLU A 287 -6.06 -7.76 -12.48
CA GLU A 287 -6.55 -9.11 -12.71
C GLU A 287 -8.00 -9.13 -13.17
N ALA A 288 -8.75 -8.07 -12.87
CA ALA A 288 -10.10 -7.89 -13.41
C ALA A 288 -10.11 -7.12 -14.72
N GLY A 289 -8.93 -6.75 -15.23
CA GLY A 289 -8.84 -6.05 -16.51
C GLY A 289 -9.40 -4.65 -16.52
N LYS A 290 -9.57 -4.03 -15.35
CA LYS A 290 -10.14 -2.69 -15.26
C LYS A 290 -9.13 -1.59 -15.50
N ILE A 291 -7.85 -1.90 -15.49
CA ILE A 291 -6.78 -0.93 -15.74
C ILE A 291 -6.01 -1.38 -16.96
N LYS A 292 -5.84 -0.48 -17.93
CA LYS A 292 -5.22 -0.79 -19.21
C LYS A 292 -4.15 0.23 -19.54
N ASP A 293 -3.26 -0.14 -20.46
CA ASP A 293 -2.19 0.76 -20.87
C ASP A 293 -2.78 2.08 -21.36
N GLY A 294 -2.15 3.18 -20.95
CA GLY A 294 -2.64 4.50 -21.26
C GLY A 294 -3.55 5.12 -20.21
N ASP A 295 -4.08 4.31 -19.29
CA ASP A 295 -4.94 4.85 -18.25
C ASP A 295 -4.13 5.70 -17.29
N VAL A 296 -4.71 6.83 -16.89
CA VAL A 296 -4.15 7.66 -15.83
C VAL A 296 -4.68 7.14 -14.51
N VAL A 297 -3.78 6.66 -13.66
CA VAL A 297 -4.13 6.07 -12.37
C VAL A 297 -3.58 6.96 -11.28
N VAL A 298 -4.43 7.33 -10.32
CA VAL A 298 -4.02 8.06 -9.13
C VAL A 298 -4.02 7.10 -7.96
N MET A 299 -2.91 7.07 -7.22
CA MET A 299 -2.82 6.32 -5.98
C MET A 299 -2.54 7.30 -4.85
N VAL A 300 -3.09 7.01 -3.67
CA VAL A 300 -3.02 7.95 -2.56
C VAL A 300 -3.15 7.17 -1.25
N GLY A 301 -2.35 7.55 -0.25
CA GLY A 301 -2.40 6.91 1.04
C GLY A 301 -2.04 7.87 2.15
N PHE A 302 -2.47 7.48 3.35
CA PHE A 302 -2.14 8.22 4.58
C PHE A 302 -1.67 7.17 5.59
N GLY A 303 -0.85 7.57 6.56
CA GLY A 303 -0.34 6.57 7.49
C GLY A 303 0.03 7.15 8.84
N GLY A 304 0.41 6.23 9.74
CA GLY A 304 0.86 6.62 11.06
C GLY A 304 2.13 7.45 11.04
N GLY A 305 2.40 8.07 12.19
CA GLY A 305 3.27 9.22 12.25
C GLY A 305 2.67 10.45 11.62
N LEU A 306 1.46 10.32 11.09
CA LEU A 306 0.93 11.20 10.06
C LEU A 306 1.94 11.39 8.94
N THR A 307 1.87 10.48 7.99
CA THR A 307 2.53 10.57 6.70
C THR A 307 1.47 10.43 5.62
N TRP A 308 1.78 10.91 4.42
CA TRP A 308 0.87 10.70 3.31
C TRP A 308 1.66 10.80 2.01
N GLY A 309 1.03 10.29 0.95
CA GLY A 309 1.65 10.33 -0.36
C GLY A 309 0.60 10.11 -1.43
N ALA A 310 0.91 10.61 -2.62
CA ALA A 310 0.06 10.38 -3.78
C ALA A 310 0.92 10.37 -5.03
N ILE A 311 0.48 9.58 -6.02
CA ILE A 311 1.19 9.44 -7.29
C ILE A 311 0.17 9.41 -8.41
N ALA A 312 0.46 10.12 -9.49
CA ALA A 312 -0.29 10.02 -10.74
C ALA A 312 0.60 9.34 -11.77
N ILE A 313 0.12 8.22 -12.32
CA ILE A 313 0.90 7.42 -13.25
C ILE A 313 0.05 7.14 -14.48
N ARG A 314 0.64 7.25 -15.66
CA ARG A 314 0.02 6.76 -16.88
C ARG A 314 0.48 5.33 -17.10
N TRP A 315 -0.47 4.40 -17.10
CA TRP A 315 -0.14 2.98 -17.06
C TRP A 315 0.46 2.52 -18.39
N GLY A 316 1.38 1.56 -18.30
CA GLY A 316 1.96 0.94 -19.47
C GLY A 316 3.47 1.13 -19.55
N ARG A 317 4.06 0.42 -20.51
CA ARG A 317 5.50 0.44 -20.70
C ARG A 317 5.88 1.11 -22.01
C3' NHE B . -8.20 -1.99 25.38
C2' NHE B . -7.70 -3.40 25.68
C1' NHE B . -6.31 -3.36 26.28
C6' NHE B . -6.34 -2.73 27.66
N NHE B . -5.66 -4.68 26.28
C1 NHE B . -4.40 -4.74 27.02
C2 NHE B . -3.59 -5.96 26.60
S NHE B . -2.24 -6.35 27.67
O1 NHE B . -1.47 -7.39 27.03
O2 NHE B . -2.86 -6.84 28.92
O3 NHE B . -1.52 -5.12 27.90
C5' NHE B . -7.49 -1.71 27.78
C4' NHE B . -7.75 -1.01 26.45
#